data_5Y3Q
#
_entry.id   5Y3Q
#
_cell.length_a   151.412
_cell.length_b   33.264
_cell.length_c   90.677
_cell.angle_alpha   90.00
_cell.angle_beta   125.01
_cell.angle_gamma   90.00
#
_symmetry.space_group_name_H-M   'C 1 2 1'
#
loop_
_entity.id
_entity.type
_entity.pdbx_description
1 polymer 'Replicase polyprotein 1a'
2 non-polymer 'ZINC ION'
3 non-polymer BETA-MERCAPTOETHANOL
4 non-polymer 'SODIUM ION'
5 non-polymer GLYCEROL
6 water water
#
_entity_poly.entity_id   1
_entity_poly.type   'polypeptide(L)'
_entity_poly.pdbx_seq_one_letter_code
;MEVKTIKVFTTVDNTNLHTQLVDMSMTYGQQFGPTYLDGADVTKIKPHVNHEGKTFFVLPSDDTLRSEAFEYYHTLDESF
LGRYMSALNHTKKWKFPQVGGLTSIKWADNNCYLSSVLLALQQLEVKFNAPALQEAYYRARAGDAANFCALILAYSNKTV
GELGDVRETMTHLLQHANLESAKRVLNVVCKHCGQKTTTLTGVEAVMYMGTLSYDNLKTGVSIPCVCGRDATQYLVQQES
SFVMMSAPPAEYKLQQGTFLCANEYTGNYQCGHYTHITAKETLYRIDGAHLTKMSEYKGPVTDVFYKETSYTTTILEHHH
HHH
;
_entity_poly.pdbx_strand_id   A
#
loop_
_chem_comp.id
_chem_comp.type
_chem_comp.name
_chem_comp.formula
BME non-polymer BETA-MERCAPTOETHANOL 'C2 H6 O S'
GOL non-polymer GLYCEROL 'C3 H8 O3'
NA non-polymer 'SODIUM ION' 'Na 1'
ZN non-polymer 'ZINC ION' 'Zn 2'
#
# COMPACT_ATOMS: atom_id res chain seq x y z
N MET A 1 -21.31 38.72 -28.28
CA MET A 1 -21.37 37.23 -28.24
C MET A 1 -20.95 36.74 -26.86
N GLU A 2 -21.67 35.77 -26.32
CA GLU A 2 -21.25 35.03 -25.12
C GLU A 2 -20.48 33.78 -25.54
N VAL A 3 -19.54 33.35 -24.71
CA VAL A 3 -18.76 32.16 -25.02
C VAL A 3 -19.69 30.94 -24.95
N LYS A 4 -19.72 30.17 -26.04
CA LYS A 4 -20.60 29.00 -26.20
C LYS A 4 -19.89 27.67 -26.14
N THR A 5 -18.57 27.70 -26.34
CA THR A 5 -17.74 26.50 -26.31
C THR A 5 -16.41 26.82 -25.66
N ILE A 6 -15.82 25.82 -25.02
CA ILE A 6 -14.45 25.93 -24.52
C ILE A 6 -13.68 24.69 -24.91
N LYS A 7 -12.36 24.83 -24.96
CA LYS A 7 -11.49 23.67 -25.15
C LYS A 7 -11.04 23.18 -23.79
N VAL A 8 -11.12 21.87 -23.59
CA VAL A 8 -10.57 21.23 -22.39
C VAL A 8 -9.84 19.98 -22.83
N PHE A 9 -9.16 19.34 -21.89
CA PHE A 9 -8.53 18.04 -22.14
C PHE A 9 -9.19 16.99 -21.28
N THR A 10 -9.43 15.80 -21.86
CA THR A 10 -9.87 14.66 -21.07
C THR A 10 -8.75 13.65 -20.99
N THR A 11 -8.79 12.84 -19.94
CA THR A 11 -7.71 11.88 -19.73
C THR A 11 -8.17 10.75 -18.84
N VAL A 12 -7.51 9.60 -18.98
CA VAL A 12 -7.63 8.52 -17.98
C VAL A 12 -6.36 8.29 -17.18
N ASP A 13 -5.24 8.87 -17.62
CA ASP A 13 -3.92 8.61 -17.03
C ASP A 13 -3.10 9.86 -16.67
N ASN A 14 -3.68 11.05 -16.88
CA ASN A 14 -3.00 12.35 -16.70
C ASN A 14 -1.70 12.56 -17.51
N THR A 15 -1.52 11.76 -18.56
CA THR A 15 -0.34 11.80 -19.42
C THR A 15 -0.79 12.02 -20.87
N ASN A 16 -1.67 11.13 -21.34
CA ASN A 16 -2.32 11.25 -22.63
C ASN A 16 -3.53 12.15 -22.49
N LEU A 17 -3.44 13.35 -23.05
CA LEU A 17 -4.48 14.35 -22.94
C LEU A 17 -5.19 14.46 -24.26
N HIS A 18 -6.52 14.38 -24.22
CA HIS A 18 -7.36 14.29 -25.42
C HIS A 18 -8.16 15.57 -25.53
N THR A 19 -7.89 16.32 -26.61
CA THR A 19 -8.52 17.61 -26.80
C THR A 19 -10.02 17.45 -27.06
N GLN A 20 -10.82 18.27 -26.37
CA GLN A 20 -12.29 18.27 -26.55
C GLN A 20 -12.79 19.69 -26.71
N LEU A 21 -13.75 19.87 -27.62
CA LEU A 21 -14.53 21.10 -27.68
C LEU A 21 -15.84 20.87 -26.93
N VAL A 22 -15.99 21.57 -25.81
CA VAL A 22 -17.08 21.37 -24.88
C VAL A 22 -18.21 22.35 -25.20
N ASP A 23 -19.43 21.82 -25.29
CA ASP A 23 -20.64 22.63 -25.46
C ASP A 23 -21.07 23.11 -24.08
N MET A 24 -21.11 24.42 -23.88
N MET A 24 -21.09 24.44 -23.90
CA MET A 24 -21.43 24.96 -22.57
CA MET A 24 -21.43 25.06 -22.61
C MET A 24 -22.91 24.89 -22.19
C MET A 24 -22.88 24.80 -22.18
N SER A 25 -23.77 24.48 -23.13
CA SER A 25 -25.19 24.28 -22.84
C SER A 25 -25.52 22.89 -22.28
N MET A 26 -24.57 21.94 -22.34
CA MET A 26 -24.76 20.59 -21.85
C MET A 26 -23.87 20.34 -20.65
N THR A 27 -24.28 19.39 -19.81
CA THR A 27 -23.43 18.99 -18.67
C THR A 27 -22.22 18.23 -19.20
N TYR A 28 -21.19 18.10 -18.37
CA TYR A 28 -20.07 17.22 -18.72
C TYR A 28 -20.54 15.78 -18.96
N GLY A 29 -21.45 15.29 -18.11
CA GLY A 29 -22.03 13.94 -18.25
C GLY A 29 -22.67 13.66 -19.60
N GLN A 30 -23.43 14.62 -20.10
CA GLN A 30 -24.09 14.47 -21.42
C GLN A 30 -23.10 14.34 -22.59
N GLN A 31 -21.90 14.87 -22.41
CA GLN A 31 -20.86 14.88 -23.45
C GLN A 31 -19.80 13.78 -23.29
N PHE A 32 -19.40 13.48 -22.05
CA PHE A 32 -18.29 12.55 -21.78
C PHE A 32 -18.63 11.29 -20.97
N GLY A 33 -19.83 11.23 -20.40
CA GLY A 33 -20.14 10.29 -19.34
C GLY A 33 -19.58 10.83 -18.04
N PRO A 34 -19.45 9.98 -17.01
CA PRO A 34 -18.94 10.46 -15.73
C PRO A 34 -17.60 11.19 -15.86
N THR A 35 -17.53 12.37 -15.25
CA THR A 35 -16.41 13.31 -15.47
C THR A 35 -16.00 13.91 -14.15
N TYR A 36 -14.69 14.04 -13.96
CA TYR A 36 -14.13 14.51 -12.69
C TYR A 36 -13.11 15.61 -12.92
N LEU A 37 -13.08 16.57 -12.01
CA LEU A 37 -12.13 17.67 -12.06
C LEU A 37 -11.43 17.69 -10.71
N ASP A 38 -10.16 17.31 -10.70
CA ASP A 38 -9.38 17.15 -9.47
C ASP A 38 -10.10 16.29 -8.43
N GLY A 39 -10.72 15.20 -8.90
CA GLY A 39 -11.45 14.27 -8.05
C GLY A 39 -12.93 14.59 -7.83
N ALA A 40 -13.34 15.85 -8.04
CA ALA A 40 -14.72 16.27 -7.83
C ALA A 40 -15.57 15.79 -9.00
N ASP A 41 -16.73 15.21 -8.68
CA ASP A 41 -17.63 14.68 -9.69
C ASP A 41 -18.38 15.83 -10.32
N VAL A 42 -18.03 16.14 -11.58
CA VAL A 42 -18.65 17.24 -12.33
C VAL A 42 -19.61 16.75 -13.42
N THR A 43 -20.01 15.47 -13.35
CA THR A 43 -20.95 14.87 -14.30
C THR A 43 -22.22 15.70 -14.49
N LYS A 44 -22.77 16.19 -13.38
CA LYS A 44 -24.03 16.94 -13.38
C LYS A 44 -23.90 18.46 -13.54
N ILE A 45 -22.69 19.00 -13.66
CA ILE A 45 -22.52 20.46 -13.74
C ILE A 45 -22.26 20.87 -15.18
N LYS A 46 -22.61 22.11 -15.50
CA LYS A 46 -22.32 22.64 -16.83
C LYS A 46 -20.97 23.34 -16.82
N PRO A 47 -20.30 23.38 -17.98
CA PRO A 47 -19.00 24.02 -18.09
C PRO A 47 -19.02 25.51 -17.75
N HIS A 48 -17.91 25.97 -17.19
CA HIS A 48 -17.68 27.35 -16.86
C HIS A 48 -16.51 27.83 -17.70
N VAL A 49 -16.49 29.11 -18.09
CA VAL A 49 -15.36 29.66 -18.89
C VAL A 49 -13.99 29.42 -18.24
N ASN A 50 -13.94 29.42 -16.90
CA ASN A 50 -12.72 29.18 -16.14
C ASN A 50 -12.22 27.75 -16.21
N HIS A 51 -13.03 26.83 -16.71
CA HIS A 51 -12.58 25.47 -17.00
C HIS A 51 -11.74 25.37 -18.27
N GLU A 52 -11.67 26.44 -19.09
CA GLU A 52 -10.95 26.35 -20.36
C GLU A 52 -9.48 25.98 -20.14
N GLY A 53 -9.03 24.98 -20.88
CA GLY A 53 -7.66 24.50 -20.78
C GLY A 53 -7.37 23.53 -19.66
N LYS A 54 -8.35 23.27 -18.78
CA LYS A 54 -8.16 22.35 -17.66
C LYS A 54 -8.25 20.91 -18.14
N THR A 55 -7.73 20.00 -17.31
CA THR A 55 -7.79 18.56 -17.54
C THR A 55 -8.86 17.91 -16.66
N PHE A 56 -9.69 17.09 -17.30
CA PHE A 56 -10.77 16.34 -16.66
C PHE A 56 -10.54 14.86 -16.81
N PHE A 57 -10.76 14.09 -15.75
CA PHE A 57 -10.74 12.63 -15.83
C PHE A 57 -12.09 12.13 -16.31
N VAL A 58 -12.07 11.13 -17.18
CA VAL A 58 -13.28 10.48 -17.67
C VAL A 58 -13.10 8.96 -17.53
N LEU A 59 -14.19 8.21 -17.74
CA LEU A 59 -14.09 6.75 -17.73
C LEU A 59 -13.65 6.25 -19.09
N PRO A 60 -12.91 5.13 -19.14
CA PRO A 60 -12.50 4.57 -20.42
C PRO A 60 -13.68 4.04 -21.22
N SER A 61 -14.03 4.75 -22.29
CA SER A 61 -15.24 4.50 -23.07
C SER A 61 -15.01 3.97 -24.50
N ASP A 62 -13.76 3.75 -24.87
CA ASP A 62 -13.41 3.10 -26.15
C ASP A 62 -12.10 2.34 -25.99
N ASP A 63 -11.70 1.61 -27.03
CA ASP A 63 -10.50 0.75 -26.94
C ASP A 63 -9.20 1.51 -26.64
N THR A 64 -9.05 2.71 -27.20
CA THR A 64 -7.86 3.52 -26.95
C THR A 64 -7.75 3.92 -25.47
N LEU A 65 -8.86 4.41 -24.92
CA LEU A 65 -8.91 4.86 -23.54
C LEU A 65 -8.74 3.69 -22.58
N ARG A 66 -9.38 2.55 -22.91
CA ARG A 66 -9.23 1.33 -22.11
C ARG A 66 -7.79 0.87 -22.06
N SER A 67 -7.09 0.90 -23.20
CA SER A 67 -5.67 0.58 -23.26
C SER A 67 -4.80 1.55 -22.45
N GLU A 68 -5.05 2.84 -22.56
CA GLU A 68 -4.33 3.83 -21.75
C GLU A 68 -4.54 3.56 -20.26
N ALA A 69 -5.77 3.22 -19.89
CA ALA A 69 -6.11 2.95 -18.49
C ALA A 69 -5.40 1.69 -18.02
N PHE A 70 -5.45 0.62 -18.81
CA PHE A 70 -4.74 -0.59 -18.43
C PHE A 70 -3.24 -0.36 -18.33
N GLU A 71 -2.67 0.32 -19.31
CA GLU A 71 -1.24 0.63 -19.29
C GLU A 71 -0.82 1.38 -18.03
N TYR A 72 -1.68 2.28 -17.56
CA TYR A 72 -1.36 3.13 -16.43
C TYR A 72 -1.62 2.48 -15.06
N TYR A 73 -2.77 1.81 -14.92
CA TYR A 73 -3.23 1.28 -13.63
C TYR A 73 -2.98 -0.22 -13.46
N HIS A 74 -2.78 -0.94 -14.56
CA HIS A 74 -2.59 -2.40 -14.53
C HIS A 74 -3.79 -3.16 -13.94
N THR A 75 -4.99 -2.64 -14.17
CA THR A 75 -6.22 -3.35 -13.85
C THR A 75 -7.21 -3.12 -14.98
N LEU A 76 -8.06 -4.13 -15.20
CA LEU A 76 -9.18 -4.03 -16.14
C LEU A 76 -10.50 -3.76 -15.41
N ASP A 77 -10.48 -3.66 -14.07
CA ASP A 77 -11.66 -3.37 -13.24
C ASP A 77 -12.27 -2.04 -13.69
N GLU A 78 -13.47 -2.13 -14.28
CA GLU A 78 -14.13 -0.94 -14.83
C GLU A 78 -14.57 0.08 -13.77
N SER A 79 -14.75 -0.36 -12.53
CA SER A 79 -15.09 0.54 -11.42
C SER A 79 -13.88 1.31 -10.85
N PHE A 80 -12.65 0.97 -11.27
CA PHE A 80 -11.45 1.49 -10.62
C PHE A 80 -11.32 3.01 -10.66
N LEU A 81 -11.41 3.58 -11.85
CA LEU A 81 -11.19 5.01 -12.04
CA LEU A 81 -11.20 5.01 -12.04
C LEU A 81 -12.17 5.83 -11.18
N GLY A 82 -13.43 5.41 -11.14
CA GLY A 82 -14.45 6.09 -10.35
C GLY A 82 -14.16 6.04 -8.86
N ARG A 83 -13.71 4.88 -8.39
CA ARG A 83 -13.33 4.71 -6.98
C ARG A 83 -12.10 5.52 -6.62
N TYR A 84 -11.15 5.58 -7.55
CA TYR A 84 -9.94 6.38 -7.38
C TYR A 84 -10.28 7.87 -7.26
N MET A 85 -11.12 8.37 -8.18
CA MET A 85 -11.54 9.77 -8.11
C MET A 85 -12.33 10.09 -6.84
N SER A 86 -13.26 9.22 -6.46
CA SER A 86 -14.04 9.37 -5.23
C SER A 86 -13.13 9.54 -4.01
N ALA A 87 -12.08 8.71 -3.93
CA ALA A 87 -11.11 8.80 -2.84
C ALA A 87 -10.28 10.10 -2.90
N LEU A 88 -9.84 10.47 -4.12
CA LEU A 88 -8.99 11.64 -4.32
C LEU A 88 -9.65 12.95 -3.87
N ASN A 89 -10.97 13.03 -4.07
CA ASN A 89 -11.72 14.21 -3.67
C ASN A 89 -11.53 14.49 -2.17
N HIS A 90 -11.36 13.43 -1.37
CA HIS A 90 -11.09 13.55 0.07
C HIS A 90 -9.61 13.64 0.43
N THR A 91 -8.77 12.80 -0.18
CA THR A 91 -7.36 12.74 0.21
C THR A 91 -6.62 14.02 -0.15
N LYS A 92 -7.10 14.79 -1.14
CA LYS A 92 -6.48 16.07 -1.48
C LYS A 92 -6.57 17.10 -0.34
N LYS A 93 -7.49 16.88 0.59
CA LYS A 93 -7.63 17.72 1.78
C LYS A 93 -6.87 17.21 2.99
N TRP A 94 -6.30 16.01 2.92
CA TRP A 94 -5.44 15.51 4.00
C TRP A 94 -4.13 16.30 4.08
N LYS A 95 -3.50 16.27 5.25
CA LYS A 95 -2.21 16.89 5.47
C LYS A 95 -1.18 15.80 5.65
N PHE A 96 0.02 16.06 5.14
CA PHE A 96 1.10 15.07 5.07
C PHE A 96 2.37 15.64 5.69
N PRO A 97 2.38 15.77 7.03
CA PRO A 97 3.53 16.37 7.67
C PRO A 97 4.77 15.46 7.63
N GLN A 98 5.94 16.08 7.65
CA GLN A 98 7.20 15.36 7.88
C GLN A 98 7.32 15.06 9.37
N VAL A 99 7.40 13.78 9.71
CA VAL A 99 7.46 13.34 11.11
C VAL A 99 8.53 12.27 11.17
N GLY A 100 9.47 12.45 12.11
CA GLY A 100 10.63 11.55 12.24
C GLY A 100 11.40 11.35 10.93
N GLY A 101 11.46 12.39 10.11
CA GLY A 101 12.13 12.35 8.81
C GLY A 101 11.45 11.64 7.65
N LEU A 102 10.14 11.37 7.78
CA LEU A 102 9.35 10.64 6.78
C LEU A 102 8.04 11.37 6.54
N THR A 103 7.42 11.16 5.38
CA THR A 103 6.09 11.69 5.12
C THR A 103 5.05 10.83 5.85
N SER A 104 4.33 11.46 6.77
CA SER A 104 3.26 10.81 7.53
C SER A 104 1.93 11.38 7.07
N ILE A 105 0.84 10.97 7.71
CA ILE A 105 -0.46 11.53 7.41
C ILE A 105 -1.13 11.98 8.70
N LYS A 106 -1.55 13.23 8.76
N LYS A 106 -1.55 13.24 8.75
CA LYS A 106 -2.31 13.70 9.92
CA LYS A 106 -2.37 13.73 9.85
C LYS A 106 -3.65 12.94 9.91
C LYS A 106 -3.65 12.89 9.90
N TRP A 107 -4.07 12.49 11.09
CA TRP A 107 -5.25 11.64 11.20
C TRP A 107 -6.48 12.31 10.58
N ALA A 108 -7.17 11.54 9.75
CA ALA A 108 -8.47 11.94 9.17
C ALA A 108 -9.13 10.68 8.66
N ASP A 109 -10.46 10.60 8.74
CA ASP A 109 -11.18 9.54 8.01
C ASP A 109 -10.65 8.10 8.27
N ASN A 110 -10.30 7.82 9.52
N ASN A 110 -10.27 7.82 9.51
CA ASN A 110 -9.79 6.50 9.93
CA ASN A 110 -9.78 6.49 9.91
C ASN A 110 -8.59 6.04 9.10
C ASN A 110 -8.59 6.03 9.09
N ASN A 111 -7.69 6.97 8.78
CA ASN A 111 -6.56 6.68 7.87
C ASN A 111 -5.28 6.23 8.54
N CYS A 112 -5.33 5.83 9.82
CA CYS A 112 -4.13 5.42 10.53
C CYS A 112 -3.42 4.25 9.81
N TYR A 113 -4.19 3.27 9.32
CA TYR A 113 -3.60 2.14 8.59
C TYR A 113 -2.86 2.61 7.34
N LEU A 114 -3.39 3.62 6.65
CA LEU A 114 -2.75 4.14 5.45
C LEU A 114 -1.46 4.90 5.78
N SER A 115 -1.47 5.61 6.90
CA SER A 115 -0.26 6.29 7.36
C SER A 115 0.85 5.27 7.65
N SER A 116 0.49 4.17 8.32
N SER A 116 0.50 4.18 8.34
CA SER A 116 1.46 3.10 8.57
CA SER A 116 1.43 3.07 8.55
C SER A 116 1.99 2.44 7.28
C SER A 116 2.00 2.48 7.25
N VAL A 117 1.11 2.23 6.29
CA VAL A 117 1.51 1.72 4.96
C VAL A 117 2.48 2.69 4.28
N LEU A 118 2.08 3.97 4.23
CA LEU A 118 2.90 5.00 3.60
C LEU A 118 4.28 5.11 4.23
N LEU A 119 4.32 5.14 5.56
CA LEU A 119 5.58 5.22 6.29
C LEU A 119 6.47 4.02 6.02
N ALA A 120 5.89 2.83 6.04
CA ALA A 120 6.66 1.60 5.75
C ALA A 120 7.25 1.61 4.34
N LEU A 121 6.42 1.95 3.37
CA LEU A 121 6.87 1.90 1.96
C LEU A 121 8.06 2.78 1.67
N GLN A 122 8.12 3.94 2.34
CA GLN A 122 9.28 4.85 2.21
C GLN A 122 10.61 4.28 2.69
N GLN A 123 10.56 3.22 3.48
CA GLN A 123 11.75 2.57 4.02
C GLN A 123 12.15 1.27 3.33
N LEU A 124 11.30 0.76 2.44
CA LEU A 124 11.57 -0.46 1.70
C LEU A 124 12.19 -0.10 0.37
N GLU A 125 13.05 -0.97 -0.13
CA GLU A 125 13.55 -0.86 -1.51
C GLU A 125 12.56 -1.58 -2.40
N VAL A 126 11.57 -0.82 -2.86
CA VAL A 126 10.47 -1.37 -3.63
C VAL A 126 10.14 -0.38 -4.75
N LYS A 127 9.73 -0.91 -5.88
CA LYS A 127 9.16 -0.09 -6.94
C LYS A 127 7.92 -0.78 -7.45
N PHE A 128 7.06 0.02 -8.10
CA PHE A 128 5.80 -0.48 -8.61
C PHE A 128 5.85 -0.61 -10.13
N ASN A 129 5.27 -1.69 -10.60
CA ASN A 129 5.14 -1.97 -12.04
C ASN A 129 4.09 -1.09 -12.68
N ALA A 130 2.99 -0.81 -11.96
CA ALA A 130 1.95 0.05 -12.48
C ALA A 130 2.44 1.50 -12.45
N PRO A 131 2.54 2.16 -13.62
CA PRO A 131 3.00 3.56 -13.61
C PRO A 131 2.21 4.50 -12.68
N ALA A 132 0.91 4.29 -12.53
CA ALA A 132 0.10 5.13 -11.63
C ALA A 132 0.68 5.11 -10.22
N LEU A 133 0.99 3.92 -9.73
CA LEU A 133 1.60 3.79 -8.39
C LEU A 133 3.03 4.32 -8.33
N GLN A 134 3.85 4.04 -9.33
CA GLN A 134 5.25 4.46 -9.25
C GLN A 134 5.36 5.99 -9.24
N GLU A 135 4.62 6.64 -10.13
CA GLU A 135 4.63 8.10 -10.21
C GLU A 135 4.09 8.75 -8.93
N ALA A 136 2.98 8.23 -8.44
CA ALA A 136 2.36 8.74 -7.21
C ALA A 136 3.24 8.50 -5.99
N TYR A 137 3.92 7.35 -5.96
CA TYR A 137 4.86 7.00 -4.89
C TYR A 137 6.01 8.00 -4.82
N TYR A 138 6.62 8.36 -5.97
CA TYR A 138 7.68 9.38 -5.99
C TYR A 138 7.24 10.71 -5.37
N ARG A 139 6.06 11.17 -5.77
CA ARG A 139 5.50 12.42 -5.26
C ARG A 139 5.19 12.32 -3.76
N ALA A 140 4.72 11.15 -3.33
CA ALA A 140 4.35 10.92 -1.92
C ALA A 140 5.55 11.02 -0.98
N ARG A 141 6.70 10.49 -1.42
CA ARG A 141 7.92 10.54 -0.61
C ARG A 141 8.32 11.97 -0.23
N ALA A 142 8.07 12.91 -1.16
CA ALA A 142 8.34 14.34 -0.95
C ALA A 142 7.25 15.11 -0.20
N GLY A 143 6.14 14.45 0.13
CA GLY A 143 5.05 15.08 0.87
C GLY A 143 3.80 15.36 0.07
N ASP A 144 3.83 15.05 -1.23
CA ASP A 144 2.68 15.21 -2.11
C ASP A 144 2.01 13.84 -2.28
N ALA A 145 1.30 13.42 -1.25
CA ALA A 145 0.85 12.03 -1.11
C ALA A 145 -0.64 11.80 -1.36
N ALA A 146 -1.39 12.86 -1.68
CA ALA A 146 -2.84 12.71 -1.87
C ALA A 146 -3.19 11.68 -2.94
N ASN A 147 -2.50 11.75 -4.07
CA ASN A 147 -2.81 10.83 -5.16
CA ASN A 147 -2.76 10.85 -5.17
C ASN A 147 -2.44 9.39 -4.80
N PHE A 148 -1.26 9.21 -4.21
CA PHE A 148 -0.82 7.89 -3.79
C PHE A 148 -1.83 7.26 -2.82
N CYS A 149 -2.30 8.04 -1.84
CA CYS A 149 -3.29 7.53 -0.90
C CYS A 149 -4.60 7.14 -1.58
N ALA A 150 -5.08 7.97 -2.51
CA ALA A 150 -6.30 7.65 -3.24
C ALA A 150 -6.15 6.35 -4.06
N LEU A 151 -4.98 6.16 -4.66
CA LEU A 151 -4.70 4.95 -5.39
C LEU A 151 -4.67 3.72 -4.47
N ILE A 152 -4.00 3.84 -3.33
CA ILE A 152 -3.94 2.72 -2.36
C ILE A 152 -5.34 2.30 -1.98
N LEU A 153 -6.19 3.30 -1.70
CA LEU A 153 -7.59 3.04 -1.39
C LEU A 153 -8.29 2.29 -2.52
N ALA A 154 -8.16 2.79 -3.75
CA ALA A 154 -8.79 2.12 -4.89
C ALA A 154 -8.25 0.72 -5.15
N TYR A 155 -6.93 0.54 -5.08
CA TYR A 155 -6.34 -0.79 -5.25
C TYR A 155 -6.77 -1.79 -4.14
N SER A 156 -6.98 -1.25 -2.94
N SER A 156 -7.03 -1.30 -2.95
CA SER A 156 -7.43 -1.99 -1.76
CA SER A 156 -7.46 -2.16 -1.85
C SER A 156 -8.94 -2.34 -1.77
C SER A 156 -8.97 -2.20 -1.65
N ASN A 157 -9.73 -1.67 -2.61
CA ASN A 157 -11.22 -1.71 -2.55
C ASN A 157 -11.75 -1.12 -1.20
N LYS A 158 -11.11 -0.03 -0.76
CA LYS A 158 -11.48 0.68 0.46
C LYS A 158 -11.96 2.06 0.07
N THR A 159 -12.98 2.57 0.75
CA THR A 159 -13.37 3.96 0.62
C THR A 159 -12.78 4.80 1.76
N VAL A 160 -12.75 6.11 1.54
CA VAL A 160 -12.33 7.06 2.55
C VAL A 160 -13.28 6.91 3.73
N GLY A 161 -12.71 6.78 4.93
CA GLY A 161 -13.49 6.59 6.15
C GLY A 161 -13.65 5.13 6.57
N GLU A 162 -13.42 4.19 5.67
CA GLU A 162 -13.58 2.79 5.97
C GLU A 162 -12.44 2.29 6.85
N LEU A 163 -12.76 1.52 7.88
CA LEU A 163 -11.73 0.95 8.75
C LEU A 163 -10.88 -0.06 7.98
N GLY A 164 -9.57 0.09 8.04
CA GLY A 164 -8.65 -0.75 7.29
C GLY A 164 -7.57 -1.46 8.07
N ASP A 165 -6.81 -2.27 7.35
CA ASP A 165 -5.81 -3.16 7.91
C ASP A 165 -4.54 -3.05 7.08
N VAL A 166 -3.40 -2.96 7.75
CA VAL A 166 -2.15 -2.77 7.06
C VAL A 166 -1.80 -3.98 6.22
N ARG A 167 -1.85 -5.17 6.80
N ARG A 167 -1.86 -5.17 6.79
CA ARG A 167 -1.46 -6.38 6.08
CA ARG A 167 -1.48 -6.38 6.07
C ARG A 167 -2.33 -6.60 4.86
C ARG A 167 -2.35 -6.61 4.83
N GLU A 168 -3.64 -6.45 5.02
N GLU A 168 -3.66 -6.45 4.99
CA GLU A 168 -4.55 -6.60 3.90
CA GLU A 168 -4.55 -6.60 3.84
C GLU A 168 -4.21 -5.63 2.77
C GLU A 168 -4.20 -5.62 2.74
N THR A 169 -3.97 -4.37 3.12
CA THR A 169 -3.62 -3.32 2.16
C THR A 169 -2.30 -3.65 1.47
N MET A 170 -1.30 -4.07 2.25
N MET A 170 -1.30 -4.08 2.24
CA MET A 170 -0.01 -4.45 1.66
CA MET A 170 -0.01 -4.47 1.68
C MET A 170 -0.15 -5.61 0.68
C MET A 170 -0.16 -5.61 0.66
N THR A 171 -1.01 -6.59 0.98
CA THR A 171 -1.26 -7.71 0.07
C THR A 171 -1.76 -7.22 -1.30
N HIS A 172 -2.70 -6.28 -1.29
CA HIS A 172 -3.21 -5.69 -2.53
C HIS A 172 -2.17 -4.87 -3.27
N LEU A 173 -1.44 -4.02 -2.55
CA LEU A 173 -0.45 -3.15 -3.16
C LEU A 173 0.73 -3.90 -3.74
N LEU A 174 1.21 -4.90 -3.01
CA LEU A 174 2.40 -5.61 -3.44
C LEU A 174 2.17 -6.49 -4.68
N GLN A 175 0.90 -6.79 -5.01
CA GLN A 175 0.57 -7.41 -6.29
C GLN A 175 1.09 -6.56 -7.46
N HIS A 176 1.18 -5.24 -7.25
CA HIS A 176 1.69 -4.32 -8.28
C HIS A 176 3.15 -3.91 -8.08
N ALA A 177 3.83 -4.51 -7.12
CA ALA A 177 5.23 -4.20 -6.85
C ALA A 177 6.13 -5.09 -7.69
N ASN A 178 7.40 -4.67 -7.73
N ASN A 178 7.37 -4.66 -7.91
CA ASN A 178 8.47 -5.33 -8.48
CA ASN A 178 8.31 -5.42 -8.73
C ASN A 178 8.98 -6.56 -7.78
C ASN A 178 8.93 -6.55 -7.91
N LEU A 179 8.15 -7.60 -7.69
CA LEU A 179 8.55 -8.81 -6.93
C LEU A 179 8.72 -10.08 -7.75
N GLU A 180 8.83 -9.95 -9.08
N GLU A 180 8.84 -9.95 -9.07
CA GLU A 180 8.95 -11.11 -9.95
CA GLU A 180 8.98 -11.11 -9.96
C GLU A 180 10.24 -11.93 -9.72
C GLU A 180 10.22 -11.95 -9.65
N SER A 181 11.29 -11.29 -9.19
CA SER A 181 12.50 -12.01 -8.85
CA SER A 181 12.52 -11.99 -8.84
C SER A 181 12.62 -12.32 -7.35
N ALA A 182 11.59 -12.00 -6.56
CA ALA A 182 11.60 -12.38 -5.15
C ALA A 182 11.38 -13.88 -5.03
N LYS A 183 12.23 -14.53 -4.23
CA LYS A 183 12.20 -15.98 -4.06
C LYS A 183 12.40 -16.37 -2.61
N ARG A 184 11.65 -17.38 -2.17
CA ARG A 184 11.74 -17.93 -0.82
C ARG A 184 11.69 -19.44 -0.93
N VAL A 185 12.64 -20.10 -0.28
CA VAL A 185 12.67 -21.55 -0.21
C VAL A 185 12.56 -21.96 1.25
N LEU A 186 11.60 -22.84 1.53
CA LEU A 186 11.35 -23.34 2.89
C LEU A 186 11.52 -24.85 2.91
N ASN A 187 12.19 -25.34 3.96
CA ASN A 187 12.28 -26.77 4.25
C ASN A 187 11.20 -27.12 5.23
N VAL A 188 10.32 -28.06 4.85
CA VAL A 188 9.18 -28.44 5.67
C VAL A 188 9.31 -29.91 6.05
N VAL A 189 9.11 -30.21 7.34
CA VAL A 189 9.14 -31.60 7.83
C VAL A 189 7.94 -31.89 8.71
N CYS A 190 7.17 -32.90 8.31
CA CYS A 190 6.12 -33.48 9.14
C CYS A 190 6.59 -34.85 9.56
N LYS A 191 6.37 -35.19 10.82
CA LYS A 191 6.79 -36.50 11.36
C LYS A 191 6.06 -37.66 10.68
N HIS A 192 4.83 -37.39 10.22
CA HIS A 192 4.04 -38.38 9.51
C HIS A 192 4.28 -38.32 8.00
N CYS A 193 4.14 -37.13 7.41
CA CYS A 193 4.16 -36.99 5.93
C CYS A 193 5.56 -36.88 5.30
N GLY A 194 6.58 -36.57 6.11
CA GLY A 194 7.95 -36.46 5.62
C GLY A 194 8.36 -35.05 5.23
N GLN A 195 9.41 -34.97 4.40
CA GLN A 195 10.06 -33.72 4.06
C GLN A 195 9.61 -33.22 2.70
N LYS A 196 9.57 -31.90 2.54
CA LYS A 196 9.42 -31.29 1.24
C LYS A 196 10.07 -29.91 1.23
N THR A 197 10.40 -29.46 0.04
CA THR A 197 10.95 -28.14 -0.19
C THR A 197 9.86 -27.33 -0.91
N THR A 198 9.48 -26.21 -0.31
CA THR A 198 8.47 -25.32 -0.86
C THR A 198 9.15 -24.08 -1.39
N THR A 199 8.88 -23.74 -2.66
CA THR A 199 9.43 -22.55 -3.29
C THR A 199 8.31 -21.57 -3.58
N LEU A 200 8.45 -20.36 -3.05
CA LEU A 200 7.46 -19.29 -3.22
C LEU A 200 8.12 -18.13 -3.95
N THR A 201 7.32 -17.41 -4.73
CA THR A 201 7.81 -16.27 -5.48
C THR A 201 6.86 -15.09 -5.31
N GLY A 202 7.31 -13.91 -5.66
CA GLY A 202 6.47 -12.73 -5.67
C GLY A 202 6.03 -12.32 -4.29
N VAL A 203 4.77 -11.95 -4.16
CA VAL A 203 4.22 -11.49 -2.88
C VAL A 203 4.36 -12.58 -1.80
N GLU A 204 4.12 -13.83 -2.19
CA GLU A 204 4.23 -14.95 -1.25
C GLU A 204 5.67 -15.20 -0.78
N ALA A 205 6.66 -14.69 -1.50
CA ALA A 205 8.06 -14.82 -1.06
C ALA A 205 8.42 -13.80 0.02
N VAL A 206 7.70 -12.67 0.08
CA VAL A 206 8.05 -11.59 1.03
C VAL A 206 7.11 -11.45 2.21
N MET A 207 5.89 -12.00 2.13
CA MET A 207 4.91 -11.90 3.23
C MET A 207 4.78 -13.23 3.94
N TYR A 208 4.80 -13.21 5.26
CA TYR A 208 4.63 -14.41 6.09
C TYR A 208 3.63 -14.08 7.18
N MET A 209 2.77 -15.04 7.50
CA MET A 209 1.81 -14.90 8.58
C MET A 209 2.02 -16.03 9.57
N GLY A 210 2.30 -15.67 10.82
CA GLY A 210 2.46 -16.65 11.88
C GLY A 210 3.48 -16.29 12.95
N THR A 211 4.45 -15.46 12.57
CA THR A 211 5.44 -14.95 13.53
C THR A 211 5.91 -13.59 13.06
N LEU A 212 6.21 -12.73 14.01
CA LEU A 212 6.85 -11.43 13.74
C LEU A 212 8.37 -11.51 13.56
N SER A 213 8.96 -12.64 13.95
CA SER A 213 10.40 -12.82 14.08
C SER A 213 10.98 -13.45 12.82
N TYR A 214 11.83 -12.70 12.13
CA TYR A 214 12.56 -13.24 10.97
C TYR A 214 13.54 -14.31 11.45
N ASP A 215 14.18 -14.08 12.59
CA ASP A 215 15.02 -15.11 13.21
C ASP A 215 14.28 -16.45 13.35
N ASN A 216 13.06 -16.42 13.85
CA ASN A 216 12.29 -17.66 14.04
C ASN A 216 12.00 -18.36 12.73
N LEU A 217 11.69 -17.62 11.68
CA LEU A 217 11.49 -18.23 10.36
C LEU A 217 12.79 -18.91 9.91
N LYS A 218 13.92 -18.31 10.24
CA LYS A 218 15.21 -18.91 9.94
C LYS A 218 15.55 -20.15 10.73
N THR A 219 15.14 -20.22 11.98
CA THR A 219 15.57 -21.33 12.84
C THR A 219 14.53 -22.44 12.97
N GLY A 220 13.26 -22.14 12.69
CA GLY A 220 12.20 -23.14 12.72
C GLY A 220 10.93 -22.62 13.35
N VAL A 221 9.82 -22.76 12.62
CA VAL A 221 8.49 -22.40 13.10
C VAL A 221 7.52 -23.54 12.86
N SER A 222 6.52 -23.63 13.72
CA SER A 222 5.43 -24.60 13.56
C SER A 222 4.48 -24.12 12.46
N ILE A 223 3.98 -25.06 11.67
CA ILE A 223 3.03 -24.79 10.60
C ILE A 223 2.08 -26.01 10.55
N PRO A 224 0.77 -25.77 10.37
CA PRO A 224 -0.12 -26.94 10.29
C PRO A 224 0.15 -27.77 9.04
N CYS A 225 0.03 -29.08 9.19
CA CYS A 225 0.10 -29.98 8.05
C CYS A 225 -1.32 -30.43 7.70
N VAL A 226 -1.50 -30.77 6.43
CA VAL A 226 -2.76 -31.33 5.91
C VAL A 226 -3.27 -32.51 6.75
N CYS A 227 -2.36 -33.32 7.31
CA CYS A 227 -2.74 -34.50 8.11
C CYS A 227 -3.32 -34.18 9.49
N GLY A 228 -3.22 -32.93 9.94
CA GLY A 228 -3.71 -32.54 11.26
C GLY A 228 -2.61 -32.33 12.28
N ARG A 229 -1.39 -32.74 11.95
CA ARG A 229 -0.24 -32.51 12.82
C ARG A 229 0.33 -31.12 12.60
N ASP A 230 1.15 -30.68 13.54
CA ASP A 230 2.01 -29.53 13.35
C ASP A 230 3.33 -30.01 12.76
N ALA A 231 3.66 -29.49 11.59
CA ALA A 231 4.97 -29.69 10.98
C ALA A 231 5.87 -28.54 11.39
N THR A 232 7.15 -28.63 11.03
CA THR A 232 8.11 -27.55 11.28
CA THR A 232 8.11 -27.56 11.27
C THR A 232 8.71 -27.12 9.95
N GLN A 233 8.94 -25.82 9.80
CA GLN A 233 9.64 -25.33 8.60
C GLN A 233 10.64 -24.24 8.94
N TYR A 234 11.69 -24.15 8.12
CA TYR A 234 12.68 -23.09 8.25
C TYR A 234 13.07 -22.57 6.87
N LEU A 235 13.63 -21.37 6.88
CA LEU A 235 14.00 -20.67 5.67
C LEU A 235 15.34 -21.17 5.15
N VAL A 236 15.34 -21.73 3.95
CA VAL A 236 16.56 -22.21 3.29
C VAL A 236 17.24 -21.09 2.53
N GLN A 237 16.45 -20.34 1.77
CA GLN A 237 16.96 -19.31 0.88
CA GLN A 237 16.98 -19.28 0.94
C GLN A 237 15.95 -18.18 0.78
N GLN A 238 16.44 -16.95 0.78
CA GLN A 238 15.62 -15.77 0.55
C GLN A 238 16.34 -14.83 -0.40
N GLU A 239 15.63 -14.39 -1.43
CA GLU A 239 16.12 -13.38 -2.36
C GLU A 239 15.03 -12.32 -2.49
N SER A 240 15.23 -11.18 -1.83
CA SER A 240 14.29 -10.05 -1.88
C SER A 240 14.97 -8.89 -1.17
N SER A 241 14.47 -7.67 -1.39
CA SER A 241 15.05 -6.50 -0.72
C SER A 241 14.48 -6.26 0.68
N PHE A 242 13.40 -6.95 1.00
CA PHE A 242 12.81 -6.89 2.34
C PHE A 242 12.00 -8.15 2.57
N VAL A 243 11.62 -8.35 3.82
CA VAL A 243 10.59 -9.30 4.20
C VAL A 243 9.62 -8.62 5.17
N MET A 244 8.37 -9.07 5.15
CA MET A 244 7.32 -8.62 6.06
C MET A 244 6.82 -9.83 6.85
N MET A 245 7.02 -9.78 8.14
CA MET A 245 6.63 -10.83 9.09
C MET A 245 5.41 -10.37 9.90
N SER A 246 4.31 -11.10 9.80
CA SER A 246 3.06 -10.73 10.44
C SER A 246 2.55 -11.80 11.38
N ALA A 247 1.78 -11.39 12.38
CA ALA A 247 1.16 -12.30 13.34
C ALA A 247 -0.03 -11.64 14.01
N PRO A 248 -0.99 -12.45 14.50
CA PRO A 248 -2.06 -11.84 15.30
C PRO A 248 -1.47 -10.96 16.42
N PRO A 249 -2.10 -9.82 16.70
CA PRO A 249 -1.52 -8.85 17.65
C PRO A 249 -1.16 -9.47 19.00
N ALA A 250 0.04 -9.15 19.46
CA ALA A 250 0.52 -9.58 20.76
C ALA A 250 1.65 -8.66 21.17
N GLU A 251 1.93 -8.63 22.48
N GLU A 251 1.94 -8.64 22.46
CA GLU A 251 3.05 -7.86 23.01
CA GLU A 251 3.02 -7.85 22.99
C GLU A 251 4.37 -8.39 22.46
C GLU A 251 4.37 -8.38 22.48
N TYR A 252 5.19 -7.48 21.96
CA TYR A 252 6.46 -7.85 21.32
C TYR A 252 7.50 -6.78 21.59
N LYS A 253 8.72 -7.20 21.88
CA LYS A 253 9.83 -6.29 22.07
C LYS A 253 10.56 -5.99 20.76
N LEU A 254 10.75 -4.71 20.47
CA LEU A 254 11.50 -4.27 19.30
C LEU A 254 12.78 -3.58 19.78
N GLN A 255 13.90 -3.99 19.21
CA GLN A 255 15.22 -3.50 19.58
C GLN A 255 15.86 -2.81 18.39
N GLN A 256 16.36 -1.59 18.59
CA GLN A 256 17.02 -0.87 17.53
C GLN A 256 18.16 -1.70 16.95
N GLY A 257 18.30 -1.68 15.63
CA GLY A 257 19.35 -2.43 14.92
C GLY A 257 19.02 -3.86 14.52
N THR A 258 17.80 -4.32 14.85
CA THR A 258 17.39 -5.70 14.57
C THR A 258 16.16 -5.79 13.68
N PHE A 259 15.66 -4.66 13.22
CA PHE A 259 14.51 -4.63 12.29
C PHE A 259 14.51 -3.28 11.57
N LEU A 260 13.72 -3.18 10.52
N LEU A 260 13.75 -3.18 10.49
CA LEU A 260 13.62 -1.97 9.72
CA LEU A 260 13.62 -1.93 9.74
C LEU A 260 12.53 -1.04 10.22
C LEU A 260 12.53 -1.05 10.33
N CYS A 261 11.31 -1.58 10.30
CA CYS A 261 10.16 -0.83 10.83
C CYS A 261 9.06 -1.82 11.15
N ALA A 262 7.99 -1.32 11.76
CA ALA A 262 6.93 -2.21 12.26
C ALA A 262 5.61 -1.46 12.38
N ASN A 263 4.51 -2.22 12.48
N ASN A 263 4.53 -2.24 12.52
CA ASN A 263 3.18 -1.67 12.78
CA ASN A 263 3.17 -1.73 12.76
C ASN A 263 2.74 -2.13 14.15
C ASN A 263 2.72 -2.15 14.14
N GLU A 264 2.47 -1.17 15.01
CA GLU A 264 1.83 -1.39 16.30
C GLU A 264 0.32 -1.39 16.04
N TYR A 265 -0.41 -2.27 16.71
CA TYR A 265 -1.86 -2.30 16.64
C TYR A 265 -2.42 -2.33 18.04
N THR A 266 -2.98 -1.22 18.49
CA THR A 266 -3.67 -1.18 19.80
C THR A 266 -5.14 -1.44 19.57
N GLY A 267 -5.63 -2.54 20.12
CA GLY A 267 -7.03 -2.91 19.99
C GLY A 267 -7.21 -4.40 19.91
N ASN A 268 -8.34 -4.82 19.35
CA ASN A 268 -8.73 -6.21 19.34
C ASN A 268 -9.39 -6.54 18.01
N TYR A 269 -10.05 -7.69 17.96
CA TYR A 269 -10.79 -8.12 16.78
C TYR A 269 -11.80 -7.11 16.23
N GLN A 270 -12.42 -6.33 17.13
N GLN A 270 -12.44 -6.31 17.07
CA GLN A 270 -13.46 -5.36 16.78
CA GLN A 270 -13.46 -5.41 16.54
C GLN A 270 -12.90 -4.07 16.20
C GLN A 270 -12.95 -4.00 16.20
N CYS A 271 -11.95 -3.50 16.94
CA CYS A 271 -11.46 -2.13 16.73
C CYS A 271 -10.00 -2.04 17.08
N GLY A 272 -9.30 -1.19 16.36
CA GLY A 272 -7.93 -0.88 16.73
C GLY A 272 -7.33 0.26 15.95
N HIS A 273 -6.19 0.70 16.44
CA HIS A 273 -5.51 1.86 15.92
C HIS A 273 -4.10 1.44 15.54
N TYR A 274 -3.69 1.80 14.33
N TYR A 274 -3.69 1.76 14.32
CA TYR A 274 -2.38 1.43 13.78
CA TYR A 274 -2.34 1.47 13.86
C TYR A 274 -1.39 2.59 13.93
C TYR A 274 -1.42 2.62 14.16
N THR A 275 -0.26 2.34 14.59
N THR A 275 -0.15 2.27 14.36
CA THR A 275 0.86 3.31 14.56
CA THR A 275 0.87 3.26 14.59
C THR A 275 2.08 2.66 13.93
C THR A 275 2.17 2.66 14.10
N HIS A 276 3.04 3.49 13.54
CA HIS A 276 4.27 3.05 12.89
C HIS A 276 5.46 3.14 13.85
N ILE A 277 6.28 2.09 13.89
CA ILE A 277 7.53 2.09 14.65
C ILE A 277 8.69 2.01 13.68
N THR A 278 9.68 2.87 13.85
CA THR A 278 10.91 2.81 13.05
C THR A 278 12.08 3.16 13.96
N ALA A 279 13.27 3.22 13.39
N ALA A 279 13.29 3.26 13.43
CA ALA A 279 14.49 3.61 14.10
CA ALA A 279 14.40 3.73 14.24
C ALA A 279 15.28 4.58 13.25
C ALA A 279 15.43 4.45 13.41
N LYS A 280 15.84 5.61 13.90
CA LYS A 280 16.77 6.50 13.28
C LYS A 280 17.89 6.51 14.37
N GLU A 281 18.17 7.66 14.97
CA GLU A 281 19.15 7.69 16.06
C GLU A 281 18.66 6.94 17.31
N THR A 282 17.34 6.77 17.44
CA THR A 282 16.73 5.92 18.48
C THR A 282 15.40 5.38 17.89
N LEU A 283 14.66 4.60 18.67
CA LEU A 283 13.33 4.13 18.20
C LEU A 283 12.35 5.28 18.13
N TYR A 284 11.53 5.28 17.09
CA TYR A 284 10.50 6.29 16.86
C TYR A 284 9.13 5.63 16.76
N ARG A 285 8.15 6.19 17.44
CA ARG A 285 6.74 5.82 17.24
C ARG A 285 6.06 6.99 16.55
N ILE A 286 5.56 6.74 15.34
CA ILE A 286 4.96 7.79 14.54
C ILE A 286 3.48 7.47 14.44
N ASP A 287 2.66 8.32 15.08
CA ASP A 287 1.20 8.17 15.13
C ASP A 287 0.59 9.37 14.40
N GLY A 288 0.43 9.24 13.09
CA GLY A 288 0.01 10.34 12.25
C GLY A 288 0.95 11.53 12.36
N ALA A 289 0.43 12.64 12.87
CA ALA A 289 1.24 13.84 13.07
C ALA A 289 2.23 13.75 14.25
N HIS A 290 2.08 12.75 15.12
CA HIS A 290 2.73 12.76 16.43
C HIS A 290 3.91 11.79 16.54
N LEU A 291 5.04 12.32 16.99
CA LEU A 291 6.23 11.53 17.23
C LEU A 291 6.42 11.30 18.72
N THR A 292 6.79 10.07 19.08
CA THR A 292 7.39 9.78 20.38
C THR A 292 8.69 9.02 20.16
N LYS A 293 9.79 9.54 20.71
CA LYS A 293 11.08 8.86 20.71
C LYS A 293 11.17 7.95 21.94
N MET A 294 11.78 6.77 21.76
CA MET A 294 11.73 5.72 22.78
C MET A 294 13.10 5.09 22.89
N SER A 295 13.47 4.69 24.12
N SER A 295 13.48 4.73 24.13
CA SER A 295 14.72 3.97 24.39
CA SER A 295 14.70 3.97 24.38
C SER A 295 14.52 2.45 24.42
C SER A 295 14.44 2.49 24.12
N GLU A 296 13.27 2.01 24.56
CA GLU A 296 12.92 0.61 24.49
C GLU A 296 11.49 0.55 24.00
N TYR A 297 11.09 -0.60 23.46
CA TYR A 297 9.69 -0.75 23.04
C TYR A 297 9.23 -2.15 23.32
N LYS A 298 8.18 -2.28 24.12
CA LYS A 298 7.44 -3.51 24.23
C LYS A 298 5.96 -3.13 24.15
N GLY A 299 5.31 -3.56 23.08
CA GLY A 299 3.93 -3.21 22.83
C GLY A 299 3.28 -4.12 21.82
N PRO A 300 2.00 -3.87 21.53
CA PRO A 300 1.23 -4.76 20.67
C PRO A 300 1.58 -4.59 19.19
N VAL A 301 2.19 -5.60 18.59
CA VAL A 301 2.73 -5.49 17.22
C VAL A 301 2.09 -6.54 16.35
N THR A 302 1.82 -6.19 15.10
CA THR A 302 1.21 -7.11 14.12
CA THR A 302 1.24 -7.14 14.16
C THR A 302 2.05 -7.36 12.89
N ASP A 303 2.97 -6.46 12.54
CA ASP A 303 3.79 -6.61 11.35
C ASP A 303 5.17 -6.03 11.64
N VAL A 304 6.23 -6.76 11.25
CA VAL A 304 7.60 -6.27 11.35
C VAL A 304 8.28 -6.47 10.00
N PHE A 305 8.94 -5.42 9.53
CA PHE A 305 9.67 -5.42 8.26
C PHE A 305 11.15 -5.48 8.53
N TYR A 306 11.86 -6.23 7.68
CA TYR A 306 13.30 -6.40 7.79
C TYR A 306 13.93 -6.22 6.43
N LYS A 307 15.13 -5.64 6.41
N LYS A 307 15.13 -5.64 6.40
CA LYS A 307 15.95 -5.53 5.20
CA LYS A 307 15.89 -5.52 5.16
C LYS A 307 16.45 -6.91 4.80
C LYS A 307 16.49 -6.87 4.79
N GLU A 308 16.57 -7.13 3.49
CA GLU A 308 17.20 -8.34 2.97
C GLU A 308 17.93 -8.01 1.67
N THR A 309 18.85 -8.90 1.28
CA THR A 309 19.45 -8.88 -0.04
C THR A 309 19.41 -10.30 -0.58
N SER A 310 20.25 -11.15 -0.04
CA SER A 310 20.18 -12.59 -0.26
C SER A 310 20.63 -13.28 1.00
N TYR A 311 19.86 -14.28 1.43
CA TYR A 311 20.15 -15.06 2.61
C TYR A 311 20.15 -16.54 2.27
N THR A 312 21.12 -17.28 2.81
CA THR A 312 21.18 -18.72 2.65
C THR A 312 21.43 -19.32 4.03
N THR A 313 20.65 -20.33 4.37
CA THR A 313 20.80 -21.03 5.65
C THR A 313 22.17 -21.67 5.85
N THR A 314 22.57 -21.79 7.11
CA THR A 314 23.73 -22.61 7.51
C THR A 314 23.31 -23.93 8.17
N ILE A 315 22.00 -24.18 8.31
CA ILE A 315 21.52 -25.45 8.85
C ILE A 315 21.84 -26.54 7.83
N LEU A 316 22.48 -27.61 8.30
CA LEU A 316 23.00 -28.70 7.43
C LEU A 316 21.95 -29.77 7.09
N GLU A 317 22.31 -30.61 6.11
CA GLU A 317 21.49 -31.71 5.59
C GLU A 317 20.42 -31.19 4.63
ZN ZN B . 1.56 -34.31 7.91
C1 BME C . -8.40 4.26 14.54
C2 BME C . -8.82 4.96 13.26
O1 BME C . -8.51 5.05 15.76
S2 BME C . -7.42 4.79 12.09
NA NA D . 17.76 -20.70 8.10
NA NA E . 4.28 0.40 9.50
NA NA F . 1.25 6.80 11.55
NA NA G . -0.23 8.73 -10.48
NA NA H . 8.19 -12.71 5.24
C1 GOL I . 12.85 -7.90 15.95
O1 GOL I . 12.15 -9.11 15.68
C2 GOL I . 13.00 -7.78 17.47
O2 GOL I . 13.69 -6.56 17.78
C3 GOL I . 13.74 -8.98 18.06
O3 GOL I . 15.01 -9.19 17.41
C1 GOL J . -4.56 -6.48 12.74
O1 GOL J . -3.80 -6.72 11.55
C2 GOL J . -5.75 -7.43 12.80
O2 GOL J . -5.28 -8.71 13.24
C3 GOL J . -6.78 -6.91 13.79
O3 GOL J . -7.89 -7.80 13.95
#